data_2X71
#
_entry.id   2X71
#
_cell.length_a   46.652
_cell.length_b   104.089
_cell.length_c   62.838
_cell.angle_alpha   90.00
_cell.angle_beta   94.45
_cell.angle_gamma   90.00
#
_symmetry.space_group_name_H-M   'P 1 21 1'
#
loop_
_entity.id
_entity.type
_entity.pdbx_description
1 polymer BETA-LACTAMASE
2 non-polymer '(2E)-2-{[(2S)-2-(ACETYLAMINO)-2-CARBOXYETHOXY]IMINO}PENTANEDIOIC ACID'
3 non-polymer ETHANOL
4 non-polymer 'SULFATE ION'
5 water water
#
_entity_poly.entity_id   1
_entity_poly.type   'polypeptide(L)'
_entity_poly.pdbx_seq_one_letter_code
;KTEMKDDFAKLEEQFDAKLGIFALDTGTNRTVTYRPDERFAFASTIKALTVGVLLQQKSIEDLNQRITYTRDDLVNYNPI
TEKHVDTGMTLKELADASLRYSDNTAQNLILKQIGGPESLKKELRKIGDEVTNPERFEPELNEVNPGETQDTSTARALAT
SLQAFALEDKLPSEKRELLIDWMKRNTTGDALIRAGVPEGWEVADKTGAGSYGTRNDIAIIWPPKGDPVVLAVLSSRDKK
DAKYDDKLIAEATKVVVKALNMNGK
;
_entity_poly.pdbx_strand_id   A,B
#
loop_
_chem_comp.id
_chem_comp.type
_chem_comp.name
_chem_comp.formula
EOH non-polymer ETHANOL 'C2 H6 O'
L4C non-polymer '(2E)-2-{[(2S)-2-(ACETYLAMINO)-2-CARBOXYETHOXY]IMINO}PENTANEDIOIC ACID' 'C10 H14 N2 O8'
SO4 non-polymer 'SULFATE ION' 'O4 S -2'
#
# COMPACT_ATOMS: atom_id res chain seq x y z
N ASP A 6 20.97 1.28 16.31
CA ASP A 6 20.18 2.29 15.53
C ASP A 6 19.48 3.31 16.44
N ASP A 7 18.87 4.32 15.82
CA ASP A 7 18.20 5.41 16.53
C ASP A 7 16.99 4.97 17.35
N PHE A 8 16.22 4.00 16.85
CA PHE A 8 15.09 3.46 17.59
C PHE A 8 15.53 2.70 18.84
N ALA A 9 16.59 1.89 18.72
CA ALA A 9 17.16 1.19 19.89
C ALA A 9 17.59 2.17 20.98
N LYS A 10 18.22 3.27 20.58
CA LYS A 10 18.63 4.33 21.52
C LYS A 10 17.46 5.00 22.20
N LEU A 11 16.38 5.20 21.47
CA LEU A 11 15.13 5.73 22.04
C LEU A 11 14.56 4.77 23.06
N GLU A 12 14.59 3.47 22.74
CA GLU A 12 14.15 2.46 23.68
C GLU A 12 14.97 2.50 24.96
N GLU A 13 16.27 2.68 24.83
CA GLU A 13 17.15 2.76 25.98
C GLU A 13 16.92 4.03 26.78
N GLN A 14 16.73 5.14 26.07
CA GLN A 14 16.57 6.44 26.70
C GLN A 14 15.28 6.52 27.51
N PHE A 15 14.22 5.91 26.96
CA PHE A 15 12.89 6.02 27.53
C PHE A 15 12.47 4.76 28.25
N ASP A 16 13.37 3.81 28.30
CA ASP A 16 13.13 2.49 28.88
C ASP A 16 11.75 1.93 28.53
N ALA A 17 11.55 1.79 27.23
CA ALA A 17 10.28 1.35 26.69
C ALA A 17 10.55 0.51 25.45
N LYS A 18 9.61 -0.36 25.10
CA LYS A 18 9.66 -1.07 23.83
C LYS A 18 8.91 -0.28 22.77
N LEU A 19 9.52 -0.08 21.60
CA LEU A 19 8.88 0.66 20.49
C LEU A 19 8.37 -0.25 19.39
N GLY A 20 7.18 0.06 18.87
CA GLY A 20 6.67 -0.59 17.67
C GLY A 20 6.38 0.44 16.60
N ILE A 21 7.08 0.34 15.48
CA ILE A 21 6.93 1.32 14.39
C ILE A 21 6.65 0.66 13.05
N PHE A 22 5.59 1.13 12.38
CA PHE A 22 5.43 0.89 10.95
C PHE A 22 4.99 2.19 10.30
N ALA A 23 5.80 2.66 9.37
CA ALA A 23 5.46 3.79 8.50
C ALA A 23 5.53 3.34 7.06
N LEU A 24 4.51 3.73 6.29
CA LEU A 24 4.48 3.51 4.86
C LEU A 24 4.26 4.84 4.14
N ASP A 25 5.18 5.18 3.24
CA ASP A 25 4.96 6.20 2.23
C ASP A 25 4.11 5.54 1.14
N THR A 26 2.86 5.96 1.03
CA THR A 26 1.93 5.39 0.06
C THR A 26 2.23 5.82 -1.38
N GLY A 27 3.10 6.81 -1.54
CA GLY A 27 3.51 7.23 -2.87
C GLY A 27 4.63 6.39 -3.44
N THR A 28 5.42 5.76 -2.57
CA THR A 28 6.66 5.12 -2.99
C THR A 28 6.81 3.68 -2.48
N ASN A 29 5.93 3.28 -1.57
CA ASN A 29 6.05 1.99 -0.87
C ASN A 29 7.34 1.81 -0.05
N ARG A 30 7.99 2.94 0.28
CA ARG A 30 9.07 2.93 1.25
C ARG A 30 8.47 2.81 2.64
N THR A 31 9.08 1.95 3.45
CA THR A 31 8.65 1.75 4.83
C THR A 31 9.78 2.11 5.80
N VAL A 32 9.38 2.43 7.03
CA VAL A 32 10.28 2.46 8.17
C VAL A 32 9.65 1.50 9.17
N THR A 33 10.42 0.51 9.60
CA THR A 33 9.89 -0.51 10.49
C THR A 33 10.81 -0.71 11.68
N TYR A 34 10.21 -1.01 12.83
CA TYR A 34 10.96 -1.34 14.03
C TYR A 34 10.01 -2.07 14.94
N ARG A 35 10.32 -3.35 15.17
CA ARG A 35 9.40 -4.29 15.81
C ARG A 35 7.97 -4.11 15.25
N PRO A 36 7.83 -4.14 13.90
CA PRO A 36 6.56 -3.80 13.26
C PRO A 36 5.46 -4.83 13.52
N ASP A 37 5.85 -6.04 13.94
CA ASP A 37 4.93 -7.14 14.15
C ASP A 37 4.88 -7.58 15.61
N GLU A 38 5.53 -6.82 16.48
CA GLU A 38 5.38 -7.07 17.91
C GLU A 38 4.05 -6.53 18.39
N ARG A 39 3.40 -7.29 19.25
CA ARG A 39 2.09 -6.90 19.79
C ARG A 39 2.16 -5.89 20.92
N PHE A 40 1.20 -4.97 20.91
CA PHE A 40 1.03 -3.96 21.95
C PHE A 40 -0.46 -3.90 22.17
N ALA A 41 -0.89 -3.67 23.42
CA ALA A 41 -2.26 -3.29 23.69
C ALA A 41 -2.52 -2.08 22.81
N PHE A 42 -3.59 -2.12 22.01
CA PHE A 42 -3.88 -0.99 21.13
C PHE A 42 -4.43 0.25 21.85
N ALA A 43 -5.04 0.04 23.01
CA ALA A 43 -5.66 1.11 23.79
C ALA A 43 -6.59 1.96 22.88
N SER A 44 -6.65 3.28 23.07
CA SER A 44 -7.68 4.06 22.36
C SER A 44 -7.49 4.24 20.84
N THR A 45 -6.39 3.71 20.28
CA THR A 45 -6.21 3.76 18.83
C THR A 45 -7.36 3.03 18.14
N ILE A 46 -7.89 2.02 18.81
CA ILE A 46 -9.06 1.25 18.36
C ILE A 46 -10.29 2.13 18.07
N LYS A 47 -10.35 3.32 18.66
CA LYS A 47 -11.43 4.27 18.39
C LYS A 47 -11.50 4.66 16.91
N ALA A 48 -10.35 4.80 16.26
CA ALA A 48 -10.32 5.15 14.81
C ALA A 48 -10.83 4.00 13.92
N LEU A 49 -10.48 2.77 14.25
CA LEU A 49 -10.89 1.63 13.43
C LEU A 49 -12.36 1.34 13.66
N THR A 50 -12.82 1.62 14.88
CA THR A 50 -14.23 1.48 15.27
C THR A 50 -15.17 2.46 14.52
N VAL A 51 -14.74 3.72 14.41
CA VAL A 51 -15.48 4.70 13.57
C VAL A 51 -15.40 4.28 12.09
N GLY A 52 -14.25 3.76 11.68
CA GLY A 52 -14.11 3.22 10.32
C GLY A 52 -15.19 2.20 9.99
N VAL A 53 -15.40 1.23 10.89
CA VAL A 53 -16.47 0.25 10.75
C VAL A 53 -17.88 0.86 10.85
N LEU A 54 -18.08 1.82 11.75
CA LEU A 54 -19.37 2.50 11.84
C LEU A 54 -19.72 3.21 10.52
N LEU A 55 -18.73 3.82 9.88
CA LEU A 55 -18.94 4.55 8.65
C LEU A 55 -19.27 3.62 7.47
N GLN A 56 -18.73 2.40 7.54
CA GLN A 56 -19.07 1.32 6.62
C GLN A 56 -20.54 0.95 6.73
N GLN A 57 -21.11 1.09 7.93
CA GLN A 57 -22.44 0.56 8.22
C GLN A 57 -23.54 1.63 8.29
N LYS A 58 -23.15 2.87 8.51
CA LYS A 58 -24.14 3.93 8.69
C LYS A 58 -24.10 4.93 7.55
N SER A 59 -25.26 5.31 7.06
CA SER A 59 -25.34 6.47 6.19
C SER A 59 -25.07 7.73 7.01
N ILE A 60 -24.77 8.83 6.32
CA ILE A 60 -24.56 10.12 6.97
C ILE A 60 -25.78 10.51 7.81
N GLU A 61 -26.98 10.29 7.27
CA GLU A 61 -28.19 10.61 8.00
C GLU A 61 -28.43 9.70 9.21
N ASP A 62 -28.03 8.44 9.10
CA ASP A 62 -28.02 7.53 10.27
C ASP A 62 -27.26 8.14 11.46
N LEU A 63 -26.21 8.90 11.16
CA LEU A 63 -25.37 9.55 12.19
C LEU A 63 -26.10 10.66 12.94
N ASN A 64 -27.23 11.12 12.42
CA ASN A 64 -28.06 12.07 13.16
C ASN A 64 -28.93 11.44 14.24
N GLN A 65 -28.95 10.12 14.29
CA GLN A 65 -29.72 9.40 15.30
C GLN A 65 -29.18 9.78 16.67
N ARG A 66 -30.05 10.32 17.51
CA ARG A 66 -29.69 10.65 18.88
C ARG A 66 -29.65 9.37 19.70
N ILE A 67 -28.54 9.17 20.40
CA ILE A 67 -28.37 8.02 21.28
C ILE A 67 -28.55 8.50 22.72
N THR A 68 -29.43 7.83 23.44
CA THR A 68 -29.61 8.13 24.86
C THR A 68 -28.85 7.13 25.69
N TYR A 69 -28.37 7.59 26.83
CA TYR A 69 -27.57 6.79 27.72
C TYR A 69 -27.76 7.42 29.09
N THR A 70 -27.31 6.72 30.13
CA THR A 70 -27.48 7.18 31.50
C THR A 70 -26.10 7.32 32.13
N ARG A 71 -26.08 7.74 33.39
CA ARG A 71 -24.86 7.81 34.20
C ARG A 71 -24.21 6.44 34.36
N ASP A 72 -25.02 5.38 34.16
CA ASP A 72 -24.56 3.99 34.23
C ASP A 72 -23.66 3.62 33.08
N ASP A 73 -23.93 4.19 31.89
CA ASP A 73 -23.11 3.98 30.70
C ASP A 73 -21.73 4.64 30.83
N LEU A 74 -21.62 5.65 31.69
CA LEU A 74 -20.39 6.40 31.85
C LEU A 74 -19.26 5.57 32.45
N VAL A 75 -18.09 5.62 31.82
CA VAL A 75 -16.94 4.88 32.33
C VAL A 75 -15.86 5.81 32.95
N ASN A 76 -14.58 5.55 32.69
CA ASN A 76 -13.47 6.23 33.37
C ASN A 76 -12.97 7.53 32.72
N TYR A 77 -13.30 7.75 31.45
CA TYR A 77 -12.79 8.91 30.72
C TYR A 77 -13.80 9.32 29.67
N ASN A 78 -14.71 10.20 30.08
CA ASN A 78 -15.82 10.61 29.23
C ASN A 78 -15.97 12.13 29.17
N PRO A 79 -14.95 12.85 28.67
CA PRO A 79 -14.98 14.33 28.79
C PRO A 79 -16.21 14.99 28.14
N ILE A 80 -16.74 14.39 27.08
CA ILE A 80 -17.88 14.96 26.37
C ILE A 80 -19.19 14.33 26.80
N THR A 81 -19.25 12.99 26.76
CA THR A 81 -20.47 12.25 27.07
C THR A 81 -20.98 12.51 28.48
N GLU A 82 -20.07 12.67 29.43
CA GLU A 82 -20.46 13.00 30.80
C GLU A 82 -21.28 14.32 30.88
N LYS A 83 -21.12 15.17 29.88
CA LYS A 83 -21.75 16.50 29.85
C LYS A 83 -23.10 16.53 29.14
N HIS A 84 -23.53 15.37 28.63
CA HIS A 84 -24.73 15.30 27.81
C HIS A 84 -25.69 14.17 28.19
N VAL A 85 -25.55 13.64 29.41
CA VAL A 85 -26.43 12.56 29.91
C VAL A 85 -27.93 12.86 29.75
N ASP A 86 -28.36 14.04 30.21
CA ASP A 86 -29.76 14.46 30.15
C ASP A 86 -30.28 14.55 28.73
N THR A 87 -29.41 14.90 27.79
CA THR A 87 -29.85 15.27 26.46
C THR A 87 -29.58 14.23 25.38
N GLY A 88 -28.66 13.32 25.66
CA GLY A 88 -28.17 12.38 24.66
C GLY A 88 -27.23 13.06 23.68
N MET A 89 -26.71 12.26 22.76
CA MET A 89 -25.79 12.73 21.74
C MET A 89 -26.11 11.99 20.45
N THR A 90 -26.00 12.68 19.32
CA THR A 90 -26.14 12.02 18.03
C THR A 90 -24.92 11.12 17.81
N LEU A 91 -25.11 10.09 17.00
CA LEU A 91 -23.98 9.23 16.62
C LEU A 91 -22.82 10.01 16.06
N LYS A 92 -23.13 11.07 15.30
CA LYS A 92 -22.10 11.95 14.74
C LYS A 92 -21.30 12.62 15.86
N GLU A 93 -22.03 13.18 16.85
CA GLU A 93 -21.42 13.78 18.04
C GLU A 93 -20.61 12.77 18.87
N LEU A 94 -21.06 11.53 18.93
CA LEU A 94 -20.31 10.46 19.62
C LEU A 94 -19.01 10.13 18.93
N ALA A 95 -19.05 9.97 17.60
CA ALA A 95 -17.88 9.78 16.76
C ALA A 95 -16.86 10.90 16.93
N ASP A 96 -17.36 12.14 16.93
CA ASP A 96 -16.52 13.31 17.15
C ASP A 96 -15.78 13.24 18.48
N ALA A 97 -16.53 13.05 19.57
CA ALA A 97 -16.03 12.92 20.93
C ALA A 97 -15.06 11.75 21.08
N SER A 98 -15.40 10.63 20.46
CA SER A 98 -14.56 9.45 20.55
C SER A 98 -13.20 9.74 19.91
N LEU A 99 -13.22 10.24 18.69
CA LEU A 99 -11.97 10.50 17.96
C LEU A 99 -11.16 11.71 18.43
N ARG A 100 -11.83 12.81 18.81
CA ARG A 100 -11.08 14.04 19.08
C ARG A 100 -10.77 14.20 20.55
N TYR A 101 -11.50 13.50 21.39
CA TYR A 101 -11.31 13.61 22.85
C TYR A 101 -11.01 12.29 23.51
N SER A 102 -11.00 11.23 22.70
CA SER A 102 -10.81 9.86 23.20
C SER A 102 -11.84 9.54 24.29
N ASP A 103 -13.07 9.99 24.08
CA ASP A 103 -14.18 9.72 24.97
C ASP A 103 -14.52 8.21 24.96
N ASN A 104 -14.32 7.56 26.10
CA ASN A 104 -14.48 6.11 26.25
C ASN A 104 -15.93 5.65 26.19
N THR A 105 -16.84 6.42 26.78
CA THR A 105 -18.26 6.15 26.71
C THR A 105 -18.76 6.23 25.29
N ALA A 106 -18.25 7.21 24.54
CA ALA A 106 -18.58 7.38 23.15
C ALA A 106 -18.13 6.16 22.33
N GLN A 107 -16.91 5.68 22.58
CA GLN A 107 -16.43 4.42 21.99
C GLN A 107 -17.35 3.24 22.28
N ASN A 108 -17.72 3.06 23.56
CA ASN A 108 -18.62 1.97 23.97
C ASN A 108 -19.97 2.02 23.27
N LEU A 109 -20.51 3.23 23.11
CA LEU A 109 -21.82 3.40 22.47
C LEU A 109 -21.76 3.06 20.99
N ILE A 110 -20.73 3.58 20.31
CA ILE A 110 -20.46 3.23 18.91
C ILE A 110 -20.20 1.73 18.73
N LEU A 111 -19.35 1.15 19.57
CA LEU A 111 -19.13 -0.31 19.54
C LEU A 111 -20.45 -1.08 19.58
N LYS A 112 -21.36 -0.68 20.46
CA LYS A 112 -22.69 -1.31 20.52
C LYS A 112 -23.43 -1.21 19.17
N GLN A 113 -23.36 -0.03 18.55
CA GLN A 113 -23.98 0.25 17.25
C GLN A 113 -23.50 -0.66 16.14
N ILE A 114 -22.23 -1.06 16.21
CA ILE A 114 -21.68 -1.99 15.22
C ILE A 114 -21.68 -3.46 15.62
N GLY A 115 -22.24 -3.78 16.79
CA GLY A 115 -22.41 -5.17 17.21
C GLY A 115 -21.43 -5.66 18.25
N GLY A 116 -20.64 -4.74 18.80
CA GLY A 116 -19.65 -5.07 19.82
C GLY A 116 -18.32 -5.54 19.29
N PRO A 117 -17.39 -5.87 20.21
CA PRO A 117 -16.01 -6.22 19.85
C PRO A 117 -15.87 -7.35 18.85
N GLU A 118 -16.74 -8.35 18.95
CA GLU A 118 -16.70 -9.53 18.10
C GLU A 118 -17.04 -9.14 16.66
N SER A 119 -18.01 -8.24 16.51
CA SER A 119 -18.36 -7.72 15.19
C SER A 119 -17.29 -6.81 14.60
N LEU A 120 -16.70 -5.94 15.44
CA LEU A 120 -15.52 -5.17 15.07
C LEU A 120 -14.39 -6.06 14.55
N LYS A 121 -14.05 -7.09 15.32
CA LYS A 121 -13.04 -8.07 14.91
C LYS A 121 -13.38 -8.67 13.55
N LYS A 122 -14.63 -9.09 13.37
CA LYS A 122 -15.07 -9.72 12.14
C LYS A 122 -14.99 -8.78 10.93
N GLU A 123 -15.35 -7.52 11.15
CA GLU A 123 -15.21 -6.50 10.12
C GLU A 123 -13.75 -6.19 9.76
N LEU A 124 -12.87 -6.18 10.76
CA LEU A 124 -11.43 -6.05 10.52
C LEU A 124 -10.85 -7.26 9.80
N ARG A 125 -11.27 -8.46 10.18
CA ARG A 125 -10.88 -9.68 9.46
C ARG A 125 -11.29 -9.60 7.97
N LYS A 126 -12.51 -9.11 7.71
CA LYS A 126 -13.03 -8.94 6.36
C LYS A 126 -12.16 -8.01 5.50
N ILE A 127 -11.55 -7.01 6.14
CA ILE A 127 -10.72 -6.07 5.39
C ILE A 127 -9.27 -6.54 5.31
N GLY A 128 -9.01 -7.72 5.89
CA GLY A 128 -7.71 -8.34 5.78
C GLY A 128 -6.79 -8.17 6.97
N ASP A 129 -7.31 -7.60 8.05
CA ASP A 129 -6.59 -7.45 9.29
C ASP A 129 -6.79 -8.73 10.10
N GLU A 130 -5.73 -9.54 10.18
CA GLU A 130 -5.78 -10.88 10.78
C GLU A 130 -5.17 -10.83 12.18
N VAL A 131 -4.78 -9.62 12.60
CA VAL A 131 -3.93 -9.41 13.77
C VAL A 131 -4.68 -8.72 14.91
N THR A 132 -5.33 -7.60 14.60
CA THR A 132 -6.03 -6.80 15.59
C THR A 132 -7.08 -7.65 16.26
N ASN A 133 -7.04 -7.65 17.59
CA ASN A 133 -7.84 -8.57 18.37
C ASN A 133 -8.73 -7.91 19.44
N PRO A 134 -9.80 -7.19 19.01
CA PRO A 134 -10.68 -6.55 19.99
C PRO A 134 -11.55 -7.57 20.71
N GLU A 135 -11.60 -7.46 22.03
CA GLU A 135 -12.41 -8.38 22.82
C GLU A 135 -13.35 -7.63 23.75
N ARG A 136 -12.93 -6.43 24.14
CA ARG A 136 -13.57 -5.71 25.24
C ARG A 136 -13.96 -4.26 24.94
N PHE A 137 -14.82 -3.73 25.81
CA PHE A 137 -15.19 -2.32 25.82
C PHE A 137 -14.18 -1.55 26.65
N GLU A 138 -14.31 -0.22 26.65
CA GLU A 138 -13.47 0.64 27.49
C GLU A 138 -14.07 0.65 28.90
N PRO A 139 -13.22 0.77 29.94
CA PRO A 139 -11.76 0.86 29.88
C PRO A 139 -11.02 -0.46 30.03
N GLU A 140 -11.74 -1.58 30.12
CA GLU A 140 -11.11 -2.87 30.43
C GLU A 140 -10.35 -3.48 29.26
N LEU A 141 -10.49 -2.90 28.06
CA LEU A 141 -9.65 -3.28 26.94
C LEU A 141 -8.19 -2.86 27.20
N ASN A 142 -7.99 -1.99 28.20
CA ASN A 142 -6.65 -1.58 28.59
C ASN A 142 -5.96 -2.60 29.50
N GLU A 143 -6.74 -3.52 30.08
CA GLU A 143 -6.23 -4.57 30.97
C GLU A 143 -5.49 -5.64 30.16
N VAL A 144 -4.31 -5.28 29.66
CA VAL A 144 -3.49 -6.22 28.89
C VAL A 144 -2.14 -6.45 29.59
N ASN A 145 -1.83 -7.72 29.83
CA ASN A 145 -0.54 -8.14 30.37
C ASN A 145 0.38 -8.62 29.25
N PRO A 146 1.70 -8.46 29.41
CA PRO A 146 2.66 -8.93 28.41
C PRO A 146 2.43 -10.41 28.09
N GLY A 147 2.53 -10.76 26.80
CA GLY A 147 2.28 -12.14 26.38
C GLY A 147 0.87 -12.34 25.86
N GLU A 148 -0.09 -11.56 26.37
CA GLU A 148 -1.49 -11.64 25.96
C GLU A 148 -1.75 -11.03 24.58
N THR A 149 -2.72 -11.57 23.84
CA THR A 149 -3.09 -11.02 22.53
C THR A 149 -4.43 -10.29 22.53
N GLN A 150 -5.21 -10.45 23.60
CA GLN A 150 -6.50 -9.76 23.75
C GLN A 150 -6.31 -8.24 23.67
N ASP A 151 -7.10 -7.60 22.82
CA ASP A 151 -7.06 -6.13 22.69
C ASP A 151 -5.65 -5.64 22.37
N THR A 152 -4.95 -6.38 21.53
CA THR A 152 -3.67 -5.95 20.99
C THR A 152 -3.72 -5.92 19.47
N SER A 153 -2.77 -5.21 18.90
CA SER A 153 -2.48 -5.30 17.49
C SER A 153 -0.98 -5.09 17.34
N THR A 154 -0.52 -4.89 16.11
CA THR A 154 0.87 -4.57 15.86
C THR A 154 0.93 -3.21 15.16
N ALA A 155 2.12 -2.64 15.05
CA ALA A 155 2.28 -1.39 14.32
C ALA A 155 1.84 -1.57 12.86
N ARG A 156 2.19 -2.70 12.27
CA ARG A 156 1.88 -2.97 10.87
C ARG A 156 0.37 -3.05 10.64
N ALA A 157 -0.31 -3.82 11.48
CA ALA A 157 -1.75 -4.05 11.33
C ALA A 157 -2.57 -2.79 11.60
N LEU A 158 -2.21 -2.03 12.62
CA LEU A 158 -2.96 -0.81 12.96
C LEU A 158 -2.84 0.24 11.87
N ALA A 159 -1.61 0.45 11.37
CA ALA A 159 -1.34 1.34 10.24
C ALA A 159 -2.11 0.90 8.99
N THR A 160 -2.05 -0.39 8.68
CA THR A 160 -2.72 -0.96 7.48
C THR A 160 -4.24 -0.80 7.54
N SER A 161 -4.82 -1.12 8.69
CA SER A 161 -6.26 -0.98 8.90
C SER A 161 -6.71 0.48 8.88
N LEU A 162 -5.93 1.36 9.49
CA LEU A 162 -6.18 2.80 9.37
C LEU A 162 -6.10 3.26 7.90
N GLN A 163 -5.03 2.87 7.21
CA GLN A 163 -4.88 3.14 5.78
C GLN A 163 -6.12 2.67 5.00
N ALA A 164 -6.59 1.47 5.31
CA ALA A 164 -7.75 0.85 4.66
C ALA A 164 -8.99 1.75 4.70
N PHE A 165 -9.35 2.24 5.88
CA PHE A 165 -10.51 3.11 6.08
C PHE A 165 -10.31 4.53 5.61
N ALA A 166 -9.11 5.07 5.84
CA ALA A 166 -8.86 6.48 5.58
C ALA A 166 -8.40 6.78 4.16
N LEU A 167 -7.67 5.84 3.53
CA LEU A 167 -7.06 6.08 2.23
C LEU A 167 -7.52 5.17 1.11
N GLU A 168 -8.08 4.01 1.45
CA GLU A 168 -8.46 3.01 0.44
C GLU A 168 -9.98 2.95 0.28
N ASP A 169 -10.44 2.00 -0.52
CA ASP A 169 -11.85 1.90 -0.88
C ASP A 169 -12.72 1.17 0.16
N LYS A 170 -12.22 1.00 1.39
CA LYS A 170 -13.03 0.43 2.46
C LYS A 170 -14.19 1.35 2.82
N LEU A 171 -13.98 2.65 2.61
CA LEU A 171 -15.02 3.68 2.73
C LEU A 171 -15.09 4.47 1.44
N PRO A 172 -16.28 4.99 1.09
CA PRO A 172 -16.34 5.92 -0.04
C PRO A 172 -15.81 7.31 0.34
N SER A 173 -15.40 8.09 -0.65
CA SER A 173 -14.62 9.31 -0.40
C SER A 173 -15.16 10.26 0.68
N GLU A 174 -16.48 10.49 0.66
CA GLU A 174 -17.13 11.40 1.63
C GLU A 174 -17.04 10.88 3.05
N LYS A 175 -17.08 9.57 3.22
CA LYS A 175 -16.91 8.98 4.54
C LYS A 175 -15.43 8.95 4.95
N ARG A 176 -14.54 8.70 3.99
CA ARG A 176 -13.10 8.81 4.21
C ARG A 176 -12.75 10.20 4.69
N GLU A 177 -13.33 11.21 4.03
CA GLU A 177 -13.08 12.60 4.39
C GLU A 177 -13.59 12.97 5.76
N LEU A 178 -14.77 12.46 6.13
CA LEU A 178 -15.29 12.65 7.49
C LEU A 178 -14.32 12.11 8.54
N LEU A 179 -13.87 10.88 8.32
CA LEU A 179 -12.99 10.21 9.25
C LEU A 179 -11.72 11.03 9.44
N ILE A 180 -11.14 11.45 8.33
CA ILE A 180 -9.90 12.21 8.29
C ILE A 180 -10.03 13.55 8.99
N ASP A 181 -11.10 14.28 8.68
CA ASP A 181 -11.38 15.57 9.30
C ASP A 181 -11.50 15.46 10.82
N TRP A 182 -12.21 14.44 11.33
CA TRP A 182 -12.27 14.24 12.77
C TRP A 182 -10.86 14.02 13.31
N MET A 183 -10.06 13.21 12.61
CA MET A 183 -8.72 12.84 13.07
C MET A 183 -7.72 13.98 12.97
N LYS A 184 -7.81 14.79 11.91
CA LYS A 184 -7.05 16.04 11.76
C LYS A 184 -7.26 16.99 12.93
N ARG A 185 -8.48 16.96 13.46
CA ARG A 185 -8.95 17.88 14.50
C ARG A 185 -8.91 17.24 15.91
N ASN A 186 -8.22 16.11 16.02
CA ASN A 186 -7.91 15.52 17.33
C ASN A 186 -7.25 16.51 18.28
N THR A 187 -7.72 16.51 19.53
CA THR A 187 -7.22 17.40 20.60
C THR A 187 -6.13 16.76 21.47
N THR A 188 -6.01 15.42 21.38
CA THR A 188 -5.16 14.62 22.30
C THR A 188 -3.74 14.33 21.84
N GLY A 189 -3.39 14.67 20.61
CA GLY A 189 -2.12 14.20 20.04
C GLY A 189 -0.99 15.19 19.85
N ASP A 190 -1.10 16.36 20.48
CA ASP A 190 -0.18 17.49 20.25
C ASP A 190 1.29 17.22 20.57
N ALA A 191 1.53 16.35 21.55
CA ALA A 191 2.88 16.05 22.01
C ALA A 191 3.42 14.75 21.39
N LEU A 192 2.63 14.13 20.51
CA LEU A 192 3.01 12.85 19.92
C LEU A 192 3.48 12.96 18.47
N ILE A 193 2.81 12.33 17.51
CA ILE A 193 3.25 12.38 16.11
C ILE A 193 3.30 13.83 15.63
N ARG A 194 2.30 14.63 16.01
CA ARG A 194 2.25 16.05 15.69
C ARG A 194 3.52 16.77 16.09
N ALA A 195 4.09 16.39 17.24
CA ALA A 195 5.31 17.05 17.73
C ALA A 195 6.59 16.53 17.06
N GLY A 196 6.45 15.51 16.20
CA GLY A 196 7.61 14.88 15.56
C GLY A 196 7.71 15.08 14.06
N VAL A 197 6.77 15.83 13.49
CA VAL A 197 6.77 16.12 12.06
C VAL A 197 7.17 17.57 11.86
N PRO A 198 7.76 17.90 10.69
CA PRO A 198 8.09 19.28 10.38
C PRO A 198 6.87 20.17 10.15
N GLU A 199 7.10 21.47 10.12
CA GLU A 199 6.04 22.44 9.79
C GLU A 199 5.48 22.14 8.40
N GLY A 200 4.16 22.30 8.25
CA GLY A 200 3.51 22.13 6.94
C GLY A 200 3.06 20.71 6.65
N TRP A 201 3.41 19.80 7.55
CA TRP A 201 2.90 18.43 7.49
C TRP A 201 1.57 18.41 8.20
N GLU A 202 0.56 17.88 7.52
CA GLU A 202 -0.77 17.75 8.09
C GLU A 202 -0.84 16.40 8.80
N VAL A 203 -1.48 16.36 9.97
CA VAL A 203 -1.57 15.15 10.78
C VAL A 203 -3.03 14.82 11.14
N ALA A 204 -3.39 13.55 10.97
CA ALA A 204 -4.68 13.01 11.35
C ALA A 204 -4.37 11.78 12.20
N ASP A 205 -4.49 11.94 13.51
CA ASP A 205 -4.02 10.92 14.43
C ASP A 205 -5.08 10.46 15.42
N LYS A 206 -4.87 9.29 15.98
CA LYS A 206 -5.61 8.83 17.15
C LYS A 206 -4.61 8.23 18.14
N THR A 207 -4.67 8.73 19.36
CA THR A 207 -3.75 8.36 20.43
C THR A 207 -4.32 7.18 21.21
N GLY A 208 -3.45 6.50 21.94
CA GLY A 208 -3.85 5.52 22.92
C GLY A 208 -2.94 5.64 24.13
N ALA A 209 -3.49 5.28 25.29
CA ALA A 209 -2.72 5.18 26.52
C ALA A 209 -3.25 3.96 27.27
N GLY A 210 -2.37 3.08 27.73
CA GLY A 210 -2.79 1.81 28.32
C GLY A 210 -1.96 1.44 29.55
N SER A 211 -2.17 0.24 30.08
CA SER A 211 -1.37 -0.22 31.21
C SER A 211 0.03 -0.52 30.71
N TYR A 212 0.98 -0.66 31.63
CA TYR A 212 2.38 -0.91 31.25
C TYR A 212 2.91 0.27 30.47
N GLY A 213 2.40 1.45 30.80
CA GLY A 213 2.84 2.69 30.18
C GLY A 213 2.72 2.63 28.68
N THR A 214 1.71 1.92 28.17
CA THR A 214 1.44 1.85 26.76
C THR A 214 1.05 3.25 26.26
N ARG A 215 1.76 3.71 25.23
CA ARG A 215 1.51 5.02 24.68
C ARG A 215 1.66 4.93 23.17
N ASN A 216 0.52 5.09 22.49
CA ASN A 216 0.38 4.84 21.08
C ASN A 216 -0.14 6.07 20.38
N ASP A 217 0.24 6.18 19.12
CA ASP A 217 -0.33 7.16 18.22
C ASP A 217 -0.28 6.56 16.81
N ILE A 218 -1.44 6.48 16.15
CA ILE A 218 -1.51 6.12 14.75
C ILE A 218 -2.05 7.32 13.98
N ALA A 219 -1.56 7.49 12.77
CA ALA A 219 -1.85 8.68 12.00
C ALA A 219 -1.74 8.47 10.51
N ILE A 220 -2.43 9.34 9.76
CA ILE A 220 -2.09 9.62 8.38
C ILE A 220 -1.41 10.98 8.44
N ILE A 221 -0.24 11.08 7.83
CA ILE A 221 0.46 12.35 7.80
C ILE A 221 0.69 12.75 6.35
N TRP A 222 0.55 14.04 6.09
CA TRP A 222 0.68 14.57 4.76
C TRP A 222 1.85 15.52 4.68
N PRO A 223 2.92 15.13 3.95
CA PRO A 223 3.99 16.07 3.66
C PRO A 223 3.39 17.29 2.93
N PRO A 224 4.11 18.42 2.88
CA PRO A 224 3.57 19.59 2.18
C PRO A 224 3.25 19.22 0.73
N LYS A 225 4.18 18.52 0.09
CA LYS A 225 3.93 17.96 -1.22
C LYS A 225 4.24 16.45 -1.22
N GLY A 226 3.29 15.67 -1.72
CA GLY A 226 3.47 14.23 -1.87
C GLY A 226 2.27 13.44 -1.37
N ASP A 227 2.39 12.13 -1.46
CA ASP A 227 1.33 11.24 -1.01
C ASP A 227 1.36 11.10 0.52
N PRO A 228 0.22 10.70 1.11
CA PRO A 228 0.19 10.50 2.55
C PRO A 228 1.14 9.39 3.02
N VAL A 229 1.61 9.58 4.25
CA VAL A 229 2.32 8.56 4.98
C VAL A 229 1.40 8.02 6.07
N VAL A 230 1.31 6.70 6.15
CA VAL A 230 0.60 6.02 7.24
C VAL A 230 1.65 5.66 8.27
N LEU A 231 1.35 5.93 9.53
CA LEU A 231 2.32 5.73 10.61
C LEU A 231 1.62 5.16 11.84
N ALA A 232 2.18 4.08 12.39
CA ALA A 232 1.78 3.62 13.71
C ALA A 232 3.01 3.66 14.60
N VAL A 233 2.94 4.42 15.67
CA VAL A 233 4.01 4.39 16.69
C VAL A 233 3.39 3.84 17.98
N LEU A 234 3.79 2.64 18.34
CA LEU A 234 3.30 1.97 19.54
C LEU A 234 4.42 1.86 20.57
N SER A 235 4.06 1.88 21.83
CA SER A 235 5.08 1.67 22.86
C SER A 235 4.47 1.04 24.11
N SER A 236 5.32 0.40 24.89
CA SER A 236 4.93 -0.16 26.18
C SER A 236 6.18 -0.31 27.03
N ARG A 237 6.00 -0.57 28.32
CA ARG A 237 7.12 -0.61 29.26
C ARG A 237 6.97 -1.87 30.14
N ASP A 238 7.96 -2.15 30.98
CA ASP A 238 7.94 -3.43 31.69
C ASP A 238 7.12 -3.45 32.98
N LYS A 239 6.86 -2.29 33.57
CA LYS A 239 6.11 -2.23 34.82
C LYS A 239 4.65 -1.91 34.54
N LYS A 240 3.73 -2.61 35.19
CA LYS A 240 2.30 -2.43 34.99
C LYS A 240 1.84 -0.97 35.20
N ASP A 241 2.40 -0.33 36.23
CA ASP A 241 2.00 1.02 36.63
C ASP A 241 2.93 2.10 36.05
N ALA A 242 3.73 1.70 35.06
CA ALA A 242 4.71 2.61 34.44
C ALA A 242 4.02 3.83 33.83
N LYS A 243 4.68 4.98 33.95
CA LYS A 243 4.21 6.19 33.31
C LYS A 243 4.86 6.28 31.94
N TYR A 244 4.13 6.85 30.99
CA TYR A 244 4.72 7.08 29.68
C TYR A 244 5.28 8.48 29.55
N ASP A 245 6.15 8.63 28.56
CA ASP A 245 6.63 9.93 28.17
C ASP A 245 6.24 10.11 26.71
N ASP A 246 5.42 11.13 26.44
CA ASP A 246 4.99 11.47 25.07
C ASP A 246 6.18 11.70 24.14
N LYS A 247 7.26 12.25 24.70
CA LYS A 247 8.48 12.57 23.96
C LYS A 247 9.04 11.40 23.18
N LEU A 248 8.90 10.18 23.71
CA LEU A 248 9.33 8.97 23.00
C LEU A 248 8.71 8.86 21.60
N ILE A 249 7.39 9.11 21.54
CA ILE A 249 6.62 9.04 20.31
C ILE A 249 6.94 10.19 19.36
N ALA A 250 7.08 11.39 19.91
CA ALA A 250 7.53 12.53 19.12
C ALA A 250 8.93 12.28 18.54
N GLU A 251 9.84 11.74 19.36
CA GLU A 251 11.20 11.47 18.91
C GLU A 251 11.27 10.34 17.88
N ALA A 252 10.50 9.27 18.10
CA ALA A 252 10.42 8.16 17.12
C ALA A 252 9.92 8.66 15.78
N THR A 253 8.88 9.50 15.82
CA THR A 253 8.34 10.15 14.63
C THR A 253 9.41 10.94 13.88
N LYS A 254 10.24 11.70 14.62
CA LYS A 254 11.35 12.44 14.03
C LYS A 254 12.34 11.51 13.30
N VAL A 255 12.58 10.33 13.86
CA VAL A 255 13.41 9.31 13.22
C VAL A 255 12.74 8.78 11.94
N VAL A 256 11.45 8.44 12.05
CA VAL A 256 10.64 8.05 10.88
C VAL A 256 10.72 9.11 9.76
N VAL A 257 10.49 10.37 10.12
CA VAL A 257 10.48 11.45 9.12
C VAL A 257 11.84 11.56 8.44
N LYS A 258 12.90 11.41 9.24
CA LYS A 258 14.28 11.47 8.74
C LYS A 258 14.53 10.36 7.73
N ALA A 259 14.14 9.13 8.10
CA ALA A 259 14.41 7.96 7.29
C ALA A 259 13.66 7.99 5.97
N LEU A 260 12.46 8.59 5.99
CA LEU A 260 11.70 8.84 4.79
C LEU A 260 12.18 10.14 4.14
N ASP B 6 21.66 -15.37 2.26
CA ASP B 6 20.24 -15.77 2.05
C ASP B 6 19.96 -16.35 0.66
N ASP B 7 18.70 -16.74 0.42
CA ASP B 7 18.33 -17.49 -0.79
C ASP B 7 18.48 -16.65 -2.05
N PHE B 8 18.15 -15.37 -1.95
CA PHE B 8 18.30 -14.44 -3.06
C PHE B 8 19.77 -14.32 -3.47
N ALA B 9 20.64 -14.20 -2.46
CA ALA B 9 22.08 -14.21 -2.66
C ALA B 9 22.56 -15.51 -3.33
N LYS B 10 22.03 -16.64 -2.86
CA LYS B 10 22.35 -17.95 -3.43
C LYS B 10 21.98 -18.04 -4.91
N LEU B 11 20.77 -17.60 -5.25
CA LEU B 11 20.31 -17.58 -6.63
C LEU B 11 21.20 -16.70 -7.49
N GLU B 12 21.54 -15.50 -6.97
CA GLU B 12 22.48 -14.58 -7.62
C GLU B 12 23.80 -15.26 -7.97
N GLU B 13 24.45 -15.90 -7.01
CA GLU B 13 25.69 -16.64 -7.29
C GLU B 13 25.43 -17.80 -8.26
N GLN B 14 24.37 -18.56 -8.03
CA GLN B 14 24.11 -19.74 -8.85
C GLN B 14 23.80 -19.37 -10.30
N PHE B 15 22.98 -18.34 -10.50
CA PHE B 15 22.68 -17.90 -11.86
C PHE B 15 23.60 -16.80 -12.40
N ASP B 16 24.61 -16.42 -11.61
CA ASP B 16 25.56 -15.36 -11.97
C ASP B 16 24.83 -14.08 -12.44
N ALA B 17 23.96 -13.59 -11.57
CA ALA B 17 23.07 -12.49 -11.91
C ALA B 17 22.82 -11.64 -10.69
N LYS B 18 22.27 -10.46 -10.92
CA LYS B 18 21.79 -9.58 -9.86
C LYS B 18 20.26 -9.61 -9.84
N LEU B 19 19.69 -9.66 -8.64
CA LEU B 19 18.23 -9.70 -8.47
C LEU B 19 17.75 -8.42 -7.87
N GLY B 20 16.64 -7.93 -8.39
CA GLY B 20 15.94 -6.76 -7.85
C GLY B 20 14.55 -7.23 -7.49
N ILE B 21 14.25 -7.25 -6.19
CA ILE B 21 12.99 -7.78 -5.69
C ILE B 21 12.18 -6.74 -4.88
N PHE B 22 10.91 -6.58 -5.25
CA PHE B 22 9.95 -5.90 -4.38
C PHE B 22 8.60 -6.59 -4.47
N ALA B 23 8.11 -7.06 -3.34
CA ALA B 23 6.80 -7.69 -3.21
C ALA B 23 6.05 -7.04 -2.06
N LEU B 24 4.77 -6.74 -2.27
CA LEU B 24 3.92 -6.18 -1.24
C LEU B 24 2.60 -6.92 -1.18
N ASP B 25 2.34 -7.55 -0.04
CA ASP B 25 1.01 -8.05 0.26
C ASP B 25 0.18 -6.85 0.67
N THR B 26 -0.81 -6.52 -0.17
CA THR B 26 -1.61 -5.30 -0.02
C THR B 26 -2.64 -5.38 1.11
N GLY B 27 -2.90 -6.60 1.58
CA GLY B 27 -3.80 -6.81 2.71
C GLY B 27 -3.11 -6.69 4.06
N THR B 28 -1.80 -6.87 4.08
CA THR B 28 -1.04 -6.81 5.33
C THR B 28 0.07 -5.75 5.41
N ASN B 29 0.49 -5.20 4.27
CA ASN B 29 1.69 -4.36 4.19
C ASN B 29 3.00 -5.07 4.54
N ARG B 30 3.02 -6.38 4.36
CA ARG B 30 4.26 -7.13 4.49
C ARG B 30 4.97 -7.07 3.15
N THR B 31 6.29 -6.94 3.22
CA THR B 31 7.09 -6.84 2.02
C THR B 31 8.23 -7.87 1.99
N VAL B 32 8.58 -8.31 0.79
CA VAL B 32 9.84 -8.99 0.57
C VAL B 32 10.63 -8.06 -0.32
N THR B 33 11.83 -7.71 0.13
CA THR B 33 12.70 -6.84 -0.62
C THR B 33 14.09 -7.47 -0.75
N TYR B 34 14.75 -7.13 -1.86
CA TYR B 34 16.13 -7.49 -2.08
C TYR B 34 16.60 -6.58 -3.20
N ARG B 35 17.57 -5.71 -2.89
CA ARG B 35 17.99 -4.66 -3.83
C ARG B 35 16.75 -3.95 -4.45
N PRO B 36 15.75 -3.58 -3.61
CA PRO B 36 14.49 -3.06 -4.15
C PRO B 36 14.67 -1.71 -4.82
N ASP B 37 15.79 -1.05 -4.53
CA ASP B 37 16.01 0.30 -5.03
C ASP B 37 17.16 0.38 -6.00
N GLU B 38 17.61 -0.79 -6.46
CA GLU B 38 18.64 -0.85 -7.47
C GLU B 38 18.01 -0.81 -8.86
N ARG B 39 18.59 0.02 -9.72
CA ARG B 39 18.09 0.22 -11.07
C ARG B 39 18.38 -0.96 -11.96
N PHE B 40 17.37 -1.34 -12.74
CA PHE B 40 17.51 -2.31 -13.82
C PHE B 40 16.86 -1.67 -15.03
N ALA B 41 17.38 -1.98 -16.22
CA ALA B 41 16.63 -1.74 -17.44
C ALA B 41 15.24 -2.34 -17.24
N PHE B 42 14.18 -1.55 -17.41
CA PHE B 42 12.84 -2.08 -17.27
C PHE B 42 12.38 -3.00 -18.42
N ALA B 43 12.90 -2.78 -19.62
CA ALA B 43 12.52 -3.57 -20.80
C ALA B 43 11.00 -3.54 -20.98
N SER B 44 10.39 -4.65 -21.40
CA SER B 44 8.97 -4.64 -21.77
C SER B 44 7.98 -4.53 -20.63
N THR B 45 8.46 -4.61 -19.39
CA THR B 45 7.59 -4.35 -18.24
C THR B 45 6.94 -2.96 -18.34
N ILE B 46 7.59 -2.05 -19.06
CA ILE B 46 7.11 -0.68 -19.27
C ILE B 46 5.77 -0.64 -20.02
N LYS B 47 5.47 -1.73 -20.73
CA LYS B 47 4.25 -1.80 -21.55
C LYS B 47 3.00 -1.72 -20.72
N ALA B 48 3.03 -2.34 -19.54
CA ALA B 48 1.90 -2.34 -18.63
C ALA B 48 1.60 -0.92 -18.12
N LEU B 49 2.66 -0.23 -17.72
CA LEU B 49 2.58 1.15 -17.24
C LEU B 49 2.09 2.08 -18.35
N THR B 50 2.53 1.79 -19.59
CA THR B 50 2.13 2.54 -20.76
C THR B 50 0.61 2.41 -21.03
N VAL B 51 0.06 1.18 -20.92
CA VAL B 51 -1.39 0.97 -21.06
C VAL B 51 -2.14 1.63 -19.90
N GLY B 52 -1.55 1.58 -18.71
CA GLY B 52 -2.08 2.33 -17.56
C GLY B 52 -2.34 3.80 -17.87
N VAL B 53 -1.36 4.45 -18.50
CA VAL B 53 -1.45 5.87 -18.85
C VAL B 53 -2.42 6.08 -20.03
N LEU B 54 -2.48 5.11 -20.94
CA LEU B 54 -3.43 5.14 -22.04
C LEU B 54 -4.86 5.11 -21.50
N LEU B 55 -5.09 4.25 -20.52
CA LEU B 55 -6.39 4.14 -19.88
C LEU B 55 -6.80 5.38 -19.09
N GLN B 56 -5.83 6.09 -18.51
CA GLN B 56 -6.10 7.38 -17.86
C GLN B 56 -6.68 8.39 -18.84
N GLN B 57 -6.11 8.40 -20.05
CA GLN B 57 -6.35 9.47 -21.02
C GLN B 57 -7.52 9.20 -21.99
N LYS B 58 -7.95 7.95 -22.07
CA LYS B 58 -8.99 7.51 -23.02
C LYS B 58 -10.11 6.75 -22.32
N SER B 59 -11.32 6.86 -22.87
CA SER B 59 -12.47 6.09 -22.39
C SER B 59 -12.49 4.70 -23.05
N ILE B 60 -13.34 3.81 -22.54
CA ILE B 60 -13.52 2.49 -23.15
C ILE B 60 -13.92 2.65 -24.63
N GLU B 61 -14.78 3.65 -24.87
CA GLU B 61 -15.21 4.03 -26.23
C GLU B 61 -14.05 4.51 -27.09
N ASP B 62 -13.19 5.36 -26.52
CA ASP B 62 -11.99 5.85 -27.22
C ASP B 62 -11.08 4.72 -27.68
N LEU B 63 -11.05 3.63 -26.92
CA LEU B 63 -10.21 2.46 -27.25
C LEU B 63 -10.63 1.75 -28.54
N ASN B 64 -11.88 1.95 -28.97
CA ASN B 64 -12.36 1.42 -30.25
C ASN B 64 -11.81 2.20 -31.43
N GLN B 65 -11.27 3.39 -31.15
CA GLN B 65 -10.58 4.22 -32.13
C GLN B 65 -9.59 3.38 -32.93
N ARG B 66 -9.80 3.36 -34.25
CA ARG B 66 -8.97 2.59 -35.18
C ARG B 66 -7.68 3.34 -35.46
N ILE B 67 -6.56 2.64 -35.31
CA ILE B 67 -5.24 3.19 -35.57
C ILE B 67 -4.63 2.57 -36.84
N THR B 68 -4.23 3.43 -37.76
CA THR B 68 -3.57 3.03 -38.99
C THR B 68 -2.05 3.12 -38.84
N TYR B 69 -1.37 2.06 -39.28
CA TYR B 69 0.08 2.02 -39.32
C TYR B 69 0.52 1.31 -40.59
N THR B 70 1.79 1.47 -40.94
CA THR B 70 2.34 0.88 -42.16
C THR B 70 3.35 -0.22 -41.84
N ARG B 71 3.87 -0.87 -42.88
CA ARG B 71 4.91 -1.89 -42.75
C ARG B 71 6.20 -1.28 -42.21
N ASP B 72 6.37 0.02 -42.42
CA ASP B 72 7.55 0.75 -41.97
C ASP B 72 7.56 0.98 -40.46
N ASP B 73 6.38 1.14 -39.86
CA ASP B 73 6.26 1.33 -38.41
C ASP B 73 6.65 0.09 -37.62
N LEU B 74 6.47 -1.08 -38.23
CA LEU B 74 6.87 -2.35 -37.64
C LEU B 74 8.32 -2.32 -37.19
N VAL B 75 8.57 -2.80 -35.96
CA VAL B 75 9.93 -2.91 -35.46
C VAL B 75 10.43 -4.36 -35.47
N ASN B 76 11.05 -4.81 -34.39
CA ASN B 76 11.80 -6.07 -34.39
C ASN B 76 11.05 -7.26 -33.80
N TYR B 77 9.90 -6.98 -33.19
CA TYR B 77 9.08 -8.02 -32.61
C TYR B 77 7.64 -7.58 -32.72
N ASN B 78 6.95 -8.11 -33.73
CA ASN B 78 5.62 -7.64 -34.09
C ASN B 78 4.62 -8.79 -34.21
N PRO B 79 4.55 -9.65 -33.19
CA PRO B 79 3.89 -10.94 -33.40
C PRO B 79 2.44 -10.80 -33.86
N ILE B 80 1.79 -9.71 -33.47
CA ILE B 80 0.39 -9.48 -33.75
C ILE B 80 0.22 -8.39 -34.81
N THR B 81 0.93 -7.28 -34.64
CA THR B 81 0.84 -6.14 -35.55
C THR B 81 1.23 -6.46 -37.00
N GLU B 82 2.16 -7.40 -37.17
CA GLU B 82 2.61 -7.83 -38.50
C GLU B 82 1.53 -8.47 -39.37
N LYS B 83 0.37 -8.76 -38.79
CA LYS B 83 -0.73 -9.36 -39.57
C LYS B 83 -2.00 -8.51 -39.64
N HIS B 84 -1.91 -7.27 -39.14
CA HIS B 84 -2.98 -6.29 -39.27
C HIS B 84 -2.47 -5.00 -39.91
N VAL B 85 -1.40 -5.12 -40.69
CA VAL B 85 -0.79 -3.96 -41.36
C VAL B 85 -1.77 -3.30 -42.36
N ASP B 86 -2.43 -4.13 -43.17
CA ASP B 86 -3.45 -3.65 -44.11
C ASP B 86 -4.72 -3.27 -43.38
N THR B 87 -5.04 -4.03 -42.35
CA THR B 87 -6.33 -3.93 -41.66
C THR B 87 -6.37 -2.77 -40.65
N GLY B 88 -5.24 -2.51 -39.98
CA GLY B 88 -5.20 -1.54 -38.89
C GLY B 88 -5.71 -2.18 -37.62
N MET B 89 -5.48 -1.53 -36.48
CA MET B 89 -5.93 -2.07 -35.19
C MET B 89 -6.55 -1.00 -34.30
N THR B 90 -7.56 -1.40 -33.53
CA THR B 90 -8.14 -0.51 -32.53
C THR B 90 -7.11 -0.33 -31.42
N LEU B 91 -7.24 0.76 -30.65
CA LEU B 91 -6.40 0.93 -29.47
C LEU B 91 -6.52 -0.28 -28.53
N LYS B 92 -7.75 -0.78 -28.35
CA LYS B 92 -8.00 -1.96 -27.53
C LYS B 92 -7.19 -3.16 -28.02
N GLU B 93 -7.22 -3.39 -29.33
CA GLU B 93 -6.45 -4.47 -29.93
C GLU B 93 -4.95 -4.27 -29.72
N LEU B 94 -4.51 -3.02 -29.81
CA LEU B 94 -3.10 -2.67 -29.61
C LEU B 94 -2.64 -2.90 -28.17
N ALA B 95 -3.48 -2.50 -27.21
CA ALA B 95 -3.23 -2.75 -25.78
C ALA B 95 -3.21 -4.25 -25.47
N ASP B 96 -4.09 -5.02 -26.12
CA ASP B 96 -4.11 -6.47 -25.97
C ASP B 96 -2.79 -7.07 -26.45
N ALA B 97 -2.34 -6.66 -27.64
CA ALA B 97 -1.13 -7.19 -28.27
C ALA B 97 0.13 -6.83 -27.48
N SER B 98 0.21 -5.55 -27.10
CA SER B 98 1.32 -5.05 -26.31
C SER B 98 1.47 -5.87 -25.03
N LEU B 99 0.36 -6.06 -24.31
CA LEU B 99 0.41 -6.69 -23.00
C LEU B 99 0.53 -8.22 -23.06
N ARG B 100 -0.26 -8.85 -23.93
CA ARG B 100 -0.35 -10.31 -23.94
C ARG B 100 0.71 -10.97 -24.81
N TYR B 101 1.23 -10.22 -25.78
CA TYR B 101 2.25 -10.73 -26.70
C TYR B 101 3.54 -9.92 -26.67
N SER B 102 3.56 -8.85 -25.87
CA SER B 102 4.71 -7.95 -25.78
C SER B 102 5.07 -7.37 -27.14
N ASP B 103 4.04 -7.16 -27.97
CA ASP B 103 4.21 -6.58 -29.30
C ASP B 103 4.87 -5.20 -29.19
N ASN B 104 6.09 -5.11 -29.71
CA ASN B 104 6.85 -3.87 -29.70
C ASN B 104 6.24 -2.74 -30.53
N THR B 105 5.65 -3.08 -31.68
CA THR B 105 4.95 -2.08 -32.49
C THR B 105 3.71 -1.54 -31.77
N ALA B 106 2.91 -2.43 -31.20
CA ALA B 106 1.77 -2.02 -30.39
C ALA B 106 2.18 -1.00 -29.31
N GLN B 107 3.24 -1.32 -28.55
CA GLN B 107 3.80 -0.38 -27.55
C GLN B 107 4.14 1.01 -28.11
N ASN B 108 4.87 1.02 -29.23
CA ASN B 108 5.22 2.27 -29.92
C ASN B 108 4.02 3.12 -30.31
N LEU B 109 3.03 2.48 -30.94
CA LEU B 109 1.78 3.14 -31.33
C LEU B 109 1.05 3.70 -30.12
N ILE B 110 0.95 2.92 -29.04
CA ILE B 110 0.32 3.39 -27.80
C ILE B 110 1.09 4.55 -27.15
N LEU B 111 2.42 4.42 -27.12
CA LEU B 111 3.31 5.46 -26.59
C LEU B 111 3.10 6.80 -27.31
N LYS B 112 2.97 6.76 -28.63
CA LYS B 112 2.69 7.96 -29.42
C LYS B 112 1.31 8.53 -29.10
N GLN B 113 0.33 7.64 -28.86
CA GLN B 113 -1.05 8.03 -28.58
C GLN B 113 -1.16 8.75 -27.24
N ILE B 114 -0.19 8.53 -26.38
CA ILE B 114 -0.15 9.15 -25.06
C ILE B 114 0.89 10.27 -24.99
N GLY B 115 1.57 10.52 -26.11
CA GLY B 115 2.53 11.63 -26.23
C GLY B 115 4.01 11.27 -26.09
N GLY B 116 4.33 9.98 -26.13
CA GLY B 116 5.72 9.53 -26.15
C GLY B 116 6.28 9.33 -24.76
N PRO B 117 7.59 8.99 -24.68
CA PRO B 117 8.27 8.62 -23.44
C PRO B 117 8.25 9.74 -22.39
N GLU B 118 8.37 10.98 -22.86
CA GLU B 118 8.39 12.15 -21.98
C GLU B 118 7.02 12.34 -21.31
N SER B 119 5.94 12.16 -22.08
CA SER B 119 4.59 12.19 -21.52
C SER B 119 4.37 11.02 -20.56
N LEU B 120 4.79 9.82 -20.95
CA LEU B 120 4.75 8.69 -20.04
C LEU B 120 5.51 9.02 -18.74
N LYS B 121 6.71 9.58 -18.86
CA LYS B 121 7.51 9.95 -17.69
C LYS B 121 6.80 10.97 -16.80
N LYS B 122 6.26 12.04 -17.41
CA LYS B 122 5.52 13.04 -16.66
C LYS B 122 4.29 12.48 -15.95
N GLU B 123 3.59 11.57 -16.62
CA GLU B 123 2.41 10.93 -16.03
C GLU B 123 2.77 10.03 -14.86
N LEU B 124 3.88 9.30 -14.98
CA LEU B 124 4.40 8.52 -13.87
C LEU B 124 4.83 9.43 -12.73
N ARG B 125 5.47 10.55 -13.05
CA ARG B 125 5.87 11.53 -12.04
C ARG B 125 4.67 12.06 -11.25
N LYS B 126 3.58 12.36 -11.96
CA LYS B 126 2.33 12.88 -11.38
C LYS B 126 1.65 11.89 -10.42
N ILE B 127 1.87 10.59 -10.63
CA ILE B 127 1.31 9.56 -9.75
C ILE B 127 2.29 9.15 -8.65
N GLY B 128 3.43 9.83 -8.57
CA GLY B 128 4.38 9.64 -7.49
C GLY B 128 5.55 8.71 -7.78
N ASP B 129 5.69 8.31 -9.04
CA ASP B 129 6.83 7.52 -9.47
C ASP B 129 7.94 8.47 -9.88
N GLU B 130 8.90 8.65 -8.98
CA GLU B 130 10.05 9.52 -9.17
C GLU B 130 11.26 8.78 -9.74
N VAL B 131 11.07 7.51 -10.07
CA VAL B 131 12.19 6.63 -10.43
C VAL B 131 12.19 6.13 -11.89
N THR B 132 11.07 5.59 -12.36
CA THR B 132 10.97 5.06 -13.70
C THR B 132 11.33 6.16 -14.69
N ASN B 133 12.28 5.86 -15.57
CA ASN B 133 12.89 6.86 -16.44
C ASN B 133 12.77 6.51 -17.91
N PRO B 134 11.54 6.56 -18.46
CA PRO B 134 11.32 6.22 -19.86
C PRO B 134 11.91 7.31 -20.74
N GLU B 135 12.71 6.92 -21.73
CA GLU B 135 13.34 7.88 -22.64
C GLU B 135 13.08 7.50 -24.08
N ARG B 136 12.87 6.21 -24.33
CA ARG B 136 12.87 5.69 -25.70
C ARG B 136 11.72 4.76 -26.08
N PHE B 137 11.57 4.56 -27.38
CA PHE B 137 10.65 3.60 -27.97
C PHE B 137 11.32 2.22 -28.04
N GLU B 138 10.54 1.22 -28.43
CA GLU B 138 11.04 -0.14 -28.64
C GLU B 138 11.66 -0.23 -30.03
N PRO B 139 12.78 -0.98 -30.19
CA PRO B 139 13.55 -1.75 -29.20
C PRO B 139 14.74 -1.01 -28.54
N GLU B 140 14.91 0.27 -28.88
CA GLU B 140 16.03 1.09 -28.41
C GLU B 140 16.07 1.26 -26.90
N LEU B 141 14.91 1.28 -26.26
CA LEU B 141 14.83 1.37 -24.79
C LEU B 141 15.60 0.25 -24.08
N ASN B 142 15.86 -0.86 -24.80
CA ASN B 142 16.57 -2.01 -24.25
C ASN B 142 18.08 -1.79 -24.21
N GLU B 143 18.53 -0.73 -24.87
CA GLU B 143 19.95 -0.45 -24.98
C GLU B 143 20.40 0.34 -23.74
N VAL B 144 20.60 -0.38 -22.63
CA VAL B 144 20.97 0.24 -21.36
C VAL B 144 22.27 -0.38 -20.83
N ASN B 145 23.24 0.46 -20.52
CA ASN B 145 24.49 0.00 -19.92
C ASN B 145 24.43 0.16 -18.40
N PRO B 146 25.15 -0.70 -17.65
CA PRO B 146 25.17 -0.53 -16.20
C PRO B 146 25.68 0.86 -15.80
N GLY B 147 25.05 1.46 -14.80
CA GLY B 147 25.37 2.82 -14.38
C GLY B 147 24.44 3.88 -14.98
N GLU B 148 23.81 3.55 -16.11
CA GLU B 148 22.89 4.46 -16.78
C GLU B 148 21.50 4.40 -16.15
N THR B 149 20.76 5.50 -16.23
CA THR B 149 19.41 5.55 -15.68
C THR B 149 18.34 5.53 -16.77
N GLN B 150 18.74 5.72 -18.02
CA GLN B 150 17.80 5.75 -19.13
C GLN B 150 17.05 4.42 -19.23
N ASP B 151 15.73 4.50 -19.32
CA ASP B 151 14.85 3.35 -19.49
C ASP B 151 15.06 2.30 -18.39
N THR B 152 15.32 2.80 -17.18
CA THR B 152 15.46 1.97 -16.01
C THR B 152 14.42 2.35 -14.98
N SER B 153 14.20 1.43 -14.05
CA SER B 153 13.45 1.71 -12.85
C SER B 153 13.98 0.78 -11.78
N THR B 154 13.27 0.69 -10.67
CA THR B 154 13.67 -0.22 -9.62
C THR B 154 12.52 -1.17 -9.39
N ALA B 155 12.76 -2.25 -8.65
CA ALA B 155 11.68 -3.16 -8.37
C ALA B 155 10.58 -2.46 -7.59
N ARG B 156 10.96 -1.63 -6.61
CA ARG B 156 9.99 -0.91 -5.79
C ARG B 156 9.09 -0.01 -6.66
N ALA B 157 9.71 0.77 -7.54
CA ALA B 157 8.97 1.77 -8.33
C ALA B 157 8.07 1.11 -9.36
N LEU B 158 8.58 0.10 -10.08
CA LEU B 158 7.75 -0.64 -11.03
C LEU B 158 6.55 -1.29 -10.36
N ALA B 159 6.77 -1.95 -9.22
CA ALA B 159 5.67 -2.58 -8.48
C ALA B 159 4.66 -1.53 -8.01
N THR B 160 5.16 -0.44 -7.44
CA THR B 160 4.28 0.59 -6.91
C THR B 160 3.47 1.20 -8.04
N SER B 161 4.10 1.41 -9.19
CA SER B 161 3.40 1.97 -10.34
C SER B 161 2.35 1.02 -10.89
N LEU B 162 2.68 -0.26 -10.94
CA LEU B 162 1.72 -1.27 -11.38
C LEU B 162 0.51 -1.30 -10.45
N GLN B 163 0.76 -1.29 -9.14
CA GLN B 163 -0.27 -1.22 -8.11
C GLN B 163 -1.18 0.02 -8.27
N ALA B 164 -0.54 1.18 -8.46
CA ALA B 164 -1.20 2.43 -8.76
C ALA B 164 -2.30 2.28 -9.82
N PHE B 165 -1.96 1.73 -10.99
CA PHE B 165 -2.91 1.54 -12.09
C PHE B 165 -3.87 0.37 -11.92
N ALA B 166 -3.36 -0.77 -11.46
CA ALA B 166 -4.16 -1.98 -11.41
C ALA B 166 -5.05 -2.10 -10.17
N LEU B 167 -4.58 -1.55 -9.05
CA LEU B 167 -5.23 -1.78 -7.75
C LEU B 167 -5.72 -0.54 -7.01
N GLU B 168 -5.11 0.63 -7.25
CA GLU B 168 -5.45 1.84 -6.50
C GLU B 168 -6.54 2.65 -7.23
N ASP B 169 -6.63 3.93 -6.91
CA ASP B 169 -7.68 4.82 -7.42
C ASP B 169 -7.33 5.52 -8.74
N LYS B 170 -6.13 5.28 -9.25
CA LYS B 170 -5.65 5.88 -10.50
C LYS B 170 -6.59 5.66 -11.70
N LEU B 171 -7.27 4.51 -11.71
CA LEU B 171 -8.18 4.15 -12.78
C LEU B 171 -9.52 3.71 -12.20
N PRO B 172 -10.63 4.09 -12.86
CA PRO B 172 -11.95 3.54 -12.50
C PRO B 172 -12.03 2.03 -12.72
N SER B 173 -12.97 1.37 -12.05
CA SER B 173 -13.03 -0.09 -11.98
C SER B 173 -13.08 -0.79 -13.34
N GLU B 174 -13.79 -0.17 -14.29
CA GLU B 174 -13.93 -0.70 -15.65
C GLU B 174 -12.59 -0.78 -16.37
N LYS B 175 -11.75 0.23 -16.15
CA LYS B 175 -10.45 0.33 -16.81
C LYS B 175 -9.42 -0.58 -16.14
N ARG B 176 -9.43 -0.62 -14.80
CA ARG B 176 -8.58 -1.53 -14.03
C ARG B 176 -8.81 -2.97 -14.45
N GLU B 177 -10.07 -3.30 -14.76
CA GLU B 177 -10.42 -4.66 -15.11
C GLU B 177 -9.91 -5.01 -16.50
N LEU B 178 -9.94 -4.04 -17.41
CA LEU B 178 -9.30 -4.22 -18.72
C LEU B 178 -7.83 -4.55 -18.55
N LEU B 179 -7.12 -3.70 -17.80
CA LEU B 179 -5.70 -3.85 -17.54
C LEU B 179 -5.40 -5.21 -16.94
N ILE B 180 -6.06 -5.53 -15.83
CA ILE B 180 -5.91 -6.82 -15.15
C ILE B 180 -6.24 -8.02 -16.06
N ASP B 181 -7.34 -7.91 -16.81
CA ASP B 181 -7.78 -8.94 -17.75
C ASP B 181 -6.71 -9.24 -18.79
N TRP B 182 -6.20 -8.20 -19.45
CA TRP B 182 -5.09 -8.33 -20.40
C TRP B 182 -3.87 -9.01 -19.78
N MET B 183 -3.47 -8.51 -18.61
CA MET B 183 -2.30 -9.03 -17.91
C MET B 183 -2.50 -10.46 -17.38
N LYS B 184 -3.71 -10.79 -16.95
CA LYS B 184 -4.05 -12.16 -16.55
C LYS B 184 -3.91 -13.12 -17.72
N ARG B 185 -4.19 -12.61 -18.92
CA ARG B 185 -4.22 -13.43 -20.12
C ARG B 185 -2.91 -13.37 -20.92
N ASN B 186 -1.92 -12.69 -20.35
CA ASN B 186 -0.58 -12.65 -20.94
C ASN B 186 -0.07 -14.05 -21.33
N THR B 187 0.57 -14.14 -22.50
CA THR B 187 1.07 -15.43 -23.04
C THR B 187 2.57 -15.66 -22.80
N THR B 188 3.29 -14.61 -22.40
CA THR B 188 4.75 -14.66 -22.42
C THR B 188 5.43 -15.06 -21.10
N GLY B 189 4.64 -15.21 -20.03
CA GLY B 189 5.20 -15.28 -18.66
C GLY B 189 5.10 -16.61 -17.95
N ASP B 190 4.83 -17.68 -18.70
CA ASP B 190 4.54 -19.00 -18.13
C ASP B 190 5.72 -19.57 -17.34
N ALA B 191 6.94 -19.20 -17.74
CA ALA B 191 8.15 -19.72 -17.12
C ALA B 191 8.71 -18.76 -16.04
N LEU B 192 8.01 -17.67 -15.80
CA LEU B 192 8.54 -16.64 -14.89
C LEU B 192 7.80 -16.62 -13.56
N ILE B 193 7.22 -15.49 -13.18
CA ILE B 193 6.45 -15.45 -11.92
C ILE B 193 5.41 -16.59 -11.82
N ARG B 194 4.73 -16.87 -12.94
CA ARG B 194 3.72 -17.95 -12.99
C ARG B 194 4.25 -19.33 -12.64
N ALA B 195 5.50 -19.61 -13.01
CA ALA B 195 6.11 -20.90 -12.69
C ALA B 195 6.59 -20.97 -11.23
N GLY B 196 6.39 -19.90 -10.47
CA GLY B 196 6.93 -19.85 -9.12
C GLY B 196 5.89 -19.58 -8.05
N VAL B 197 4.62 -19.56 -8.45
CA VAL B 197 3.50 -19.43 -7.51
C VAL B 197 2.84 -20.79 -7.33
N PRO B 198 2.22 -21.03 -6.16
CA PRO B 198 1.54 -22.31 -5.97
C PRO B 198 0.30 -22.43 -6.85
N GLU B 199 -0.19 -23.66 -7.00
CA GLU B 199 -1.45 -23.94 -7.68
C GLU B 199 -2.60 -23.14 -7.10
N GLY B 200 -3.41 -22.55 -7.98
CA GLY B 200 -4.59 -21.79 -7.54
C GLY B 200 -4.36 -20.31 -7.34
N TRP B 201 -3.11 -19.88 -7.45
CA TRP B 201 -2.78 -18.46 -7.41
C TRP B 201 -2.93 -17.90 -8.81
N GLU B 202 -3.65 -16.79 -8.92
CA GLU B 202 -3.90 -16.17 -10.20
C GLU B 202 -2.86 -15.09 -10.44
N VAL B 203 -2.34 -15.02 -11.67
CA VAL B 203 -1.25 -14.11 -12.01
C VAL B 203 -1.63 -13.17 -13.16
N ALA B 204 -1.45 -11.88 -12.92
CA ALA B 204 -1.49 -10.87 -13.96
C ALA B 204 -0.07 -10.32 -14.07
N ASP B 205 0.63 -10.63 -15.15
CA ASP B 205 2.04 -10.25 -15.25
C ASP B 205 2.40 -9.53 -16.55
N LYS B 206 3.50 -8.81 -16.52
CA LYS B 206 4.15 -8.33 -17.73
C LYS B 206 5.63 -8.65 -17.68
N THR B 207 6.10 -9.36 -18.70
CA THR B 207 7.50 -9.76 -18.79
C THR B 207 8.36 -8.72 -19.48
N GLY B 208 9.67 -8.89 -19.35
CA GLY B 208 10.63 -8.03 -20.00
C GLY B 208 11.94 -8.77 -20.17
N ALA B 209 12.61 -8.51 -21.28
CA ALA B 209 13.96 -9.04 -21.53
C ALA B 209 14.72 -7.93 -22.24
N GLY B 210 15.95 -7.68 -21.80
CA GLY B 210 16.76 -6.59 -22.34
C GLY B 210 18.22 -6.99 -22.47
N SER B 211 19.10 -6.00 -22.68
CA SER B 211 20.53 -6.29 -22.81
C SER B 211 21.12 -6.62 -21.45
N TYR B 212 22.36 -7.08 -21.40
CA TYR B 212 23.00 -7.50 -20.15
C TYR B 212 22.21 -8.58 -19.42
N GLY B 213 21.62 -9.51 -20.19
CA GLY B 213 20.86 -10.63 -19.61
C GLY B 213 19.74 -10.16 -18.68
N THR B 214 19.17 -9.01 -19.01
CA THR B 214 18.06 -8.45 -18.24
C THR B 214 16.81 -9.29 -18.45
N ARG B 215 16.21 -9.72 -17.35
CA ARG B 215 15.03 -10.57 -17.40
C ARG B 215 14.14 -10.16 -16.23
N ASN B 216 13.00 -9.57 -16.58
CA ASN B 216 12.08 -9.01 -15.62
C ASN B 216 10.72 -9.65 -15.75
N ASP B 217 10.00 -9.65 -14.64
CA ASP B 217 8.58 -9.92 -14.64
C ASP B 217 7.97 -9.10 -13.52
N ILE B 218 6.90 -8.36 -13.82
CA ILE B 218 6.15 -7.62 -12.80
C ILE B 218 4.71 -8.13 -12.83
N ALA B 219 4.08 -8.21 -11.68
CA ALA B 219 2.79 -8.88 -11.60
C ALA B 219 1.92 -8.40 -10.45
N ILE B 220 0.61 -8.60 -10.60
CA ILE B 220 -0.29 -8.73 -9.48
C ILE B 220 -0.58 -10.21 -9.34
N ILE B 221 -0.56 -10.72 -8.12
CA ILE B 221 -0.81 -12.12 -7.84
C ILE B 221 -1.91 -12.23 -6.80
N TRP B 222 -2.92 -13.03 -7.09
CA TRP B 222 -3.99 -13.27 -6.15
C TRP B 222 -3.85 -14.67 -5.58
N PRO B 223 -3.60 -14.75 -4.26
CA PRO B 223 -3.66 -16.04 -3.57
C PRO B 223 -5.11 -16.54 -3.60
N PRO B 224 -5.34 -17.84 -3.40
CA PRO B 224 -6.71 -18.37 -3.48
C PRO B 224 -7.68 -17.56 -2.61
N LYS B 225 -7.24 -17.22 -1.40
CA LYS B 225 -8.00 -16.35 -0.52
C LYS B 225 -7.18 -15.14 -0.08
N GLY B 226 -7.76 -13.95 -0.23
CA GLY B 226 -7.16 -12.75 0.31
C GLY B 226 -6.76 -11.71 -0.70
N ASP B 227 -6.11 -10.66 -0.20
CA ASP B 227 -5.74 -9.51 -1.01
C ASP B 227 -4.57 -9.80 -1.95
N PRO B 228 -4.53 -9.12 -3.11
CA PRO B 228 -3.45 -9.30 -4.07
C PRO B 228 -2.07 -8.93 -3.55
N VAL B 229 -1.08 -9.64 -4.08
CA VAL B 229 0.31 -9.31 -3.87
C VAL B 229 0.82 -8.63 -5.15
N VAL B 230 1.42 -7.45 -5.01
CA VAL B 230 2.15 -6.83 -6.11
C VAL B 230 3.61 -7.20 -6.00
N LEU B 231 4.23 -7.51 -7.13
CA LEU B 231 5.57 -8.07 -7.15
C LEU B 231 6.33 -7.65 -8.40
N ALA B 232 7.56 -7.21 -8.21
CA ALA B 232 8.49 -7.01 -9.30
C ALA B 232 9.70 -7.88 -9.02
N VAL B 233 10.08 -8.68 -10.01
CA VAL B 233 11.31 -9.45 -9.96
C VAL B 233 12.12 -9.02 -11.16
N LEU B 234 13.21 -8.30 -10.92
CA LEU B 234 14.10 -7.82 -11.97
C LEU B 234 15.42 -8.56 -11.84
N SER B 235 16.12 -8.70 -12.95
CA SER B 235 17.41 -9.36 -12.92
C SER B 235 18.25 -8.87 -14.09
N SER B 236 19.56 -8.88 -13.89
CA SER B 236 20.49 -8.56 -14.94
C SER B 236 21.82 -9.25 -14.66
N ARG B 237 22.73 -9.18 -15.63
CA ARG B 237 24.01 -9.86 -15.54
C ARG B 237 25.09 -8.85 -15.93
N ASP B 238 26.35 -9.20 -15.71
CA ASP B 238 27.47 -8.26 -15.85
C ASP B 238 27.92 -8.02 -17.31
N LYS B 239 27.59 -8.93 -18.22
CA LYS B 239 28.02 -8.82 -19.62
C LYS B 239 26.87 -8.48 -20.57
N LYS B 240 27.20 -7.67 -21.57
CA LYS B 240 26.21 -7.15 -22.53
C LYS B 240 25.39 -8.24 -23.23
N ASP B 241 26.07 -9.24 -23.78
CA ASP B 241 25.42 -10.30 -24.58
C ASP B 241 25.07 -11.52 -23.73
N ALA B 242 25.06 -11.33 -22.41
CA ALA B 242 24.74 -12.38 -21.46
C ALA B 242 23.33 -12.88 -21.67
N LYS B 243 23.15 -14.18 -21.54
CA LYS B 243 21.86 -14.82 -21.67
C LYS B 243 21.20 -14.90 -20.30
N TYR B 244 19.88 -14.82 -20.29
CA TYR B 244 19.10 -14.97 -19.07
C TYR B 244 18.53 -16.38 -18.96
N ASP B 245 18.19 -16.77 -17.74
CA ASP B 245 17.45 -18.00 -17.47
C ASP B 245 16.17 -17.63 -16.71
N ASP B 246 15.02 -17.99 -17.28
CA ASP B 246 13.71 -17.73 -16.66
C ASP B 246 13.58 -18.35 -15.27
N LYS B 247 14.33 -19.42 -15.05
CA LYS B 247 14.25 -20.18 -13.80
C LYS B 247 14.70 -19.34 -12.62
N LEU B 248 15.64 -18.41 -12.85
CA LEU B 248 16.03 -17.44 -11.81
C LEU B 248 14.81 -16.67 -11.32
N ILE B 249 14.00 -16.17 -12.24
CA ILE B 249 12.77 -15.44 -11.89
C ILE B 249 11.75 -16.35 -11.20
N ALA B 250 11.57 -17.57 -11.72
CA ALA B 250 10.66 -18.55 -11.11
C ALA B 250 11.10 -18.89 -9.69
N GLU B 251 12.40 -19.11 -9.50
CA GLU B 251 12.93 -19.46 -8.19
C GLU B 251 12.86 -18.30 -7.21
N ALA B 252 13.14 -17.09 -7.70
CA ALA B 252 13.05 -15.89 -6.89
C ALA B 252 11.62 -15.71 -6.40
N THR B 253 10.66 -15.98 -7.28
CA THR B 253 9.26 -15.90 -6.97
C THR B 253 8.90 -16.89 -5.85
N LYS B 254 9.42 -18.10 -5.92
CA LYS B 254 9.13 -19.10 -4.90
C LYS B 254 9.63 -18.65 -3.52
N VAL B 255 10.80 -18.01 -3.48
CA VAL B 255 11.33 -17.45 -2.23
C VAL B 255 10.41 -16.31 -1.73
N VAL B 256 9.93 -15.47 -2.65
CA VAL B 256 8.99 -14.39 -2.29
C VAL B 256 7.74 -14.99 -1.64
N VAL B 257 7.16 -15.99 -2.31
CA VAL B 257 5.94 -16.63 -1.87
C VAL B 257 6.09 -17.25 -0.47
N LYS B 258 7.21 -17.92 -0.25
CA LYS B 258 7.50 -18.58 1.01
C LYS B 258 7.66 -17.56 2.15
N ALA B 259 8.24 -16.41 1.84
CA ALA B 259 8.45 -15.36 2.84
C ALA B 259 7.14 -14.67 3.18
N LEU B 260 6.25 -14.60 2.20
CA LEU B 260 4.92 -14.01 2.37
C LEU B 260 3.88 -15.05 2.79
O17 L4C C . -5.98 12.81 27.23
C9 L4C C . -6.25 11.68 26.77
O16 L4C C . -6.50 11.53 25.56
C10 L4C C . -6.32 10.51 27.73
C11 L4C C . -5.49 9.31 27.28
C8 L4C C . -6.05 8.73 26.00
C12 L4C C . -5.41 8.98 24.72
O19 L4C C . -6.09 8.86 23.70
O18 L4C C . -4.22 9.32 24.66
N1 L4C C . -7.10 8.03 25.97
O13 L4C C . -7.80 7.70 27.09
C5 L4C C . -8.87 6.77 26.98
C3 L4C C . -8.33 5.35 26.72
N2 L4C C . -7.46 5.00 27.84
C6 L4C C . -7.96 4.62 29.07
C7 L4C C . -6.93 4.27 30.12
O15 L4C C . -9.16 4.59 29.29
C4 L4C C . -7.54 5.27 25.41
O14 L4C C . -6.31 5.16 25.44
C1 EOH D . -22.38 -5.67 23.08
C2 EOH D . -22.65 -5.24 21.64
O EOH D . -23.13 -4.97 24.06
C1 EOH E . 18.14 8.78 4.69
C2 EOH E . 18.42 9.90 5.70
O EOH E . 17.08 9.12 3.83
S SO4 F . 9.21 -10.09 -23.56
O1 SO4 F . 10.25 -10.47 -22.60
O2 SO4 F . 8.06 -9.60 -22.81
O3 SO4 F . 9.69 -9.04 -24.47
O4 SO4 F . 8.83 -11.27 -24.34
C1 EOH G . 4.02 -17.35 6.43
C2 EOH G . 5.52 -17.17 6.25
O EOH G . 3.38 -17.55 5.19
C1 EOH H . 17.79 -15.76 -24.29
C2 EOH H . 18.87 -14.77 -23.83
O EOH H . 17.65 -16.84 -23.39
#